data_4IEU
#
_entry.id   4IEU
#
_cell.length_a   57.600
_cell.length_b   57.600
_cell.length_c   122.400
_cell.angle_alpha   90.00
_cell.angle_beta   90.00
_cell.angle_gamma   90.00
#
_symmetry.space_group_name_H-M   'P 43 21 2'
#
loop_
_entity.id
_entity.type
_entity.pdbx_description
1 polymer 'Cysteine dioxygenase type 1'
2 non-polymer 'FE (II) ION'
3 non-polymer S-HYDROPEROXYCYSTEINE
4 water water
#
_entity_poly.entity_id   1
_entity_poly.type   'polypeptide(L)'
_entity_poly.pdbx_seq_one_letter_code
;MERTELLKPRTLADLIRILHELFAGDEVNVEEVQAVLEAYESNPAEWALYAKFDQYRYTRNLVDQGNGKFNLMILCWGEG
HGSSIHDHTDSHCFLKLLQGNLKETLFDWPDKKSNEMIKKSERTLRENQCAYINDSIGLHRVENVSHTEPAVSLHLYSPP
FDTCHAFDQRTGHKNKVTMTFHSKFGIRTPFTTSGSLENN
;
_entity_poly.pdbx_strand_id   A
#
loop_
_chem_comp.id
_chem_comp.type
_chem_comp.name
_chem_comp.formula
FE2 non-polymer 'FE (II) ION' 'Fe 2'
#
# COMPACT_ATOMS: atom_id res chain seq x y z
N GLU A 5 13.86 17.84 9.78
CA GLU A 5 13.63 17.35 11.15
C GLU A 5 12.29 16.64 11.24
N LEU A 6 12.31 15.38 11.70
CA LEU A 6 11.12 14.55 11.71
C LEU A 6 10.42 14.63 13.05
N LEU A 7 9.18 15.13 13.07
CA LEU A 7 8.39 15.15 14.30
C LEU A 7 7.21 14.18 14.21
N LYS A 8 6.70 13.76 15.35
CA LYS A 8 5.56 12.85 15.37
C LYS A 8 4.31 13.52 14.80
N PRO A 9 3.71 12.89 13.80
CA PRO A 9 2.43 13.43 13.32
C PRO A 9 1.35 13.30 14.37
N ARG A 10 0.64 14.39 14.64
CA ARG A 10 -0.36 14.42 15.70
C ARG A 10 -1.69 13.86 15.24
N THR A 11 -1.91 13.89 13.94
CA THR A 11 -3.17 13.53 13.32
C THR A 11 -2.87 13.14 11.88
N LEU A 12 -3.83 12.55 11.19
CA LEU A 12 -3.67 12.22 9.78
C LEU A 12 -3.38 13.50 8.97
N ALA A 13 -4.09 14.60 9.27
CA ALA A 13 -3.83 15.83 8.55
C ALA A 13 -2.40 16.32 8.73
N ASP A 14 -1.90 16.18 9.95
CA ASP A 14 -0.52 16.56 10.25
C ASP A 14 0.45 15.66 9.50
N LEU A 15 0.18 14.37 9.46
CA LEU A 15 0.99 13.44 8.69
C LEU A 15 1.05 13.89 7.24
N ILE A 16 -0.09 14.25 6.67
CA ILE A 16 -0.12 14.68 5.28
C ILE A 16 0.76 15.90 5.06
N ARG A 17 0.66 16.87 5.95
CA ARG A 17 1.49 18.06 5.85
C ARG A 17 2.98 17.68 5.89
N ILE A 18 3.34 16.79 6.80
CA ILE A 18 4.72 16.37 6.92
C ILE A 18 5.21 15.66 5.64
N LEU A 19 4.35 14.82 5.07
CA LEU A 19 4.70 14.13 3.84
C LEU A 19 4.93 15.12 2.70
N HIS A 20 4.14 16.18 2.61
CA HIS A 20 4.40 17.19 1.59
CA HIS A 20 4.40 17.19 1.59
C HIS A 20 5.79 17.79 1.75
N GLU A 21 6.25 17.95 2.98
CA GLU A 21 7.62 18.45 3.21
C GLU A 21 8.67 17.42 2.78
N LEU A 22 8.45 16.16 3.13
CA LEU A 22 9.42 15.09 2.81
C LEU A 22 9.54 14.79 1.33
N PHE A 23 8.48 15.08 0.59
CA PHE A 23 8.50 14.88 -0.86
C PHE A 23 8.65 16.18 -1.63
N ALA A 24 9.10 17.23 -0.97
CA ALA A 24 9.24 18.53 -1.63
C ALA A 24 10.35 18.51 -2.69
N GLY A 25 11.32 17.62 -2.51
CA GLY A 25 12.46 17.47 -3.41
C GLY A 25 12.29 16.34 -4.42
N ASP A 26 13.37 15.96 -5.08
CA ASP A 26 13.31 14.99 -6.18
C ASP A 26 13.63 13.55 -5.80
N GLU A 27 14.16 13.38 -4.60
CA GLU A 27 14.47 12.05 -4.13
C GLU A 27 13.63 11.74 -2.89
N VAL A 28 13.81 10.56 -2.33
CA VAL A 28 12.98 10.06 -1.26
C VAL A 28 13.88 9.39 -0.23
N ASN A 29 13.82 9.85 1.01
CA ASN A 29 14.50 9.18 2.10
C ASN A 29 13.57 8.13 2.70
N VAL A 30 13.75 6.89 2.27
CA VAL A 30 12.79 5.84 2.59
C VAL A 30 12.67 5.61 4.08
N GLU A 31 13.79 5.64 4.79
CA GLU A 31 13.77 5.34 6.21
C GLU A 31 13.05 6.44 6.99
N GLU A 32 13.21 7.70 6.57
CA GLU A 32 12.54 8.81 7.20
C GLU A 32 11.04 8.74 6.95
N VAL A 33 10.64 8.44 5.71
CA VAL A 33 9.22 8.33 5.40
C VAL A 33 8.57 7.19 6.19
N GLN A 34 9.25 6.05 6.23
CA GLN A 34 8.70 4.91 6.97
C GLN A 34 8.56 5.28 8.46
N ALA A 35 9.56 5.97 9.00
CA ALA A 35 9.54 6.32 10.40
C ALA A 35 8.38 7.27 10.75
N VAL A 36 8.10 8.23 9.88
CA VAL A 36 7.00 9.15 10.15
CA VAL A 36 7.01 9.16 10.11
C VAL A 36 5.65 8.45 9.99
N LEU A 37 5.54 7.57 9.00
CA LEU A 37 4.32 6.81 8.85
C LEU A 37 4.06 5.94 10.09
N GLU A 38 5.10 5.27 10.54
CA GLU A 38 4.96 4.43 11.72
C GLU A 38 4.59 5.24 12.95
N ALA A 39 5.11 6.46 13.06
CA ALA A 39 4.89 7.31 14.22
C ALA A 39 3.47 7.85 14.33
N TYR A 40 2.76 7.97 13.22
CA TYR A 40 1.35 8.32 13.28
C TYR A 40 0.55 7.21 13.97
N GLU A 41 -0.11 7.51 15.08
CA GLU A 41 -0.95 6.53 15.75
CA GLU A 41 -0.96 6.54 15.77
C GLU A 41 -2.35 6.55 15.15
N SER A 42 -2.73 5.47 14.52
CA SER A 42 -4.01 5.40 13.85
C SER A 42 -5.15 5.86 14.73
N ASN A 43 -5.92 6.80 14.23
CA ASN A 43 -7.12 7.26 14.93
C ASN A 43 -8.30 7.09 13.99
N PRO A 44 -9.13 6.07 14.24
CA PRO A 44 -10.21 5.74 13.31
C PRO A 44 -11.10 6.91 12.91
N ALA A 45 -11.40 7.82 13.83
CA ALA A 45 -12.26 8.94 13.49
C ALA A 45 -11.67 9.80 12.37
N GLU A 46 -10.34 9.86 12.29
CA GLU A 46 -9.66 10.72 11.34
C GLU A 46 -9.71 10.18 9.91
N TRP A 47 -9.89 8.87 9.78
CA TRP A 47 -9.86 8.28 8.46
C TRP A 47 -11.13 7.54 8.09
N ALA A 48 -12.14 7.59 8.95
CA ALA A 48 -13.42 6.93 8.67
C ALA A 48 -14.00 7.35 7.32
N LEU A 49 -13.82 8.61 6.94
CA LEU A 49 -14.35 9.12 5.68
C LEU A 49 -13.86 8.30 4.48
N TYR A 50 -12.64 7.79 4.59
CA TYR A 50 -12.00 7.14 3.46
C TYR A 50 -12.18 5.64 3.50
N ALA A 51 -12.65 5.11 4.63
CA ALA A 51 -12.70 3.66 4.80
C ALA A 51 -13.97 3.07 4.27
N LYS A 52 -14.06 3.07 2.95
CA LYS A 52 -15.24 2.60 2.25
C LYS A 52 -14.96 1.21 1.72
N PHE A 53 -15.69 0.24 2.27
CA PHE A 53 -15.49 -1.16 1.95
C PHE A 53 -16.43 -1.63 0.85
N ASP A 54 -16.02 -2.69 0.17
CA ASP A 54 -16.86 -3.43 -0.75
C ASP A 54 -16.97 -4.86 -0.27
N GLN A 55 -18.12 -5.50 -0.46
CA GLN A 55 -18.29 -6.83 0.10
C GLN A 55 -17.35 -7.86 -0.52
N TYR A 56 -16.99 -7.65 -1.78
CA TYR A 56 -16.40 -8.73 -2.58
C TYR A 56 -14.89 -8.61 -2.79
N ARG A 57 -14.32 -7.43 -2.65
CA ARG A 57 -12.89 -7.27 -2.78
C ARG A 57 -12.40 -6.02 -2.08
N TYR A 58 -11.09 -5.91 -1.97
CA TYR A 58 -10.53 -4.76 -1.29
C TYR A 58 -10.69 -3.52 -2.14
N THR A 59 -10.78 -2.37 -1.48
CA THR A 59 -10.98 -1.10 -2.17
C THR A 59 -9.82 -0.14 -1.94
N ARG A 60 -9.62 0.76 -2.89
CA ARG A 60 -8.56 1.75 -2.88
C ARG A 60 -9.17 3.14 -2.85
N ASN A 61 -8.88 3.90 -1.80
CA ASN A 61 -9.56 5.15 -1.54
C ASN A 61 -8.54 6.28 -1.45
N LEU A 62 -8.54 7.18 -2.43
CA LEU A 62 -7.50 8.21 -2.49
C LEU A 62 -7.73 9.23 -1.39
N VAL A 63 -6.66 9.57 -0.67
CA VAL A 63 -6.71 10.52 0.41
C VAL A 63 -6.06 11.85 0.02
N ASP A 64 -4.91 11.78 -0.63
CA ASP A 64 -4.17 12.98 -1.01
C ASP A 64 -3.38 12.72 -2.28
N GLN A 65 -3.35 13.71 -3.17
CA GLN A 65 -2.63 13.54 -4.43
C GLN A 65 -1.20 14.04 -4.40
N GLY A 66 -0.75 14.44 -3.22
N GLY A 66 -0.76 14.49 -3.24
CA GLY A 66 0.60 14.89 -3.07
CA GLY A 66 0.66 14.75 -3.02
C GLY A 66 0.86 16.17 -3.84
C GLY A 66 1.37 15.75 -3.89
N ASN A 67 2.11 16.32 -4.23
N ASN A 67 0.62 16.66 -4.51
CA ASN A 67 2.60 17.58 -4.76
CA ASN A 67 1.23 17.71 -5.30
C ASN A 67 3.10 17.38 -6.17
C ASN A 67 2.03 17.15 -6.49
N GLY A 68 2.56 16.38 -6.84
N GLY A 68 1.78 15.90 -6.85
CA GLY A 68 3.08 15.94 -8.12
CA GLY A 68 2.43 15.30 -8.01
C GLY A 68 4.01 14.75 -7.92
C GLY A 68 3.46 14.22 -7.74
N LYS A 69 4.22 14.36 -6.65
CA LYS A 69 5.29 13.43 -6.31
C LYS A 69 4.83 12.13 -5.68
N PHE A 70 3.62 12.09 -5.13
CA PHE A 70 3.14 10.89 -4.46
C PHE A 70 1.62 10.84 -4.39
N ASN A 71 1.08 9.65 -4.20
CA ASN A 71 -0.33 9.46 -3.87
C ASN A 71 -0.42 8.78 -2.53
N LEU A 72 -1.35 9.22 -1.71
CA LEU A 72 -1.63 8.62 -0.41
C LEU A 72 -3.06 8.10 -0.45
N MET A 73 -3.25 6.85 -0.10
CA MET A 73 -4.57 6.24 -0.16
C MET A 73 -4.80 5.24 0.96
N ILE A 74 -6.06 4.91 1.18
CA ILE A 74 -6.46 3.95 2.18
C ILE A 74 -7.11 2.77 1.51
N LEU A 75 -6.61 1.58 1.85
CA LEU A 75 -7.14 0.34 1.33
C LEU A 75 -7.94 -0.39 2.43
N CYS A 76 -9.09 -0.90 2.03
CA CYS A 76 -10.03 -1.52 2.93
C CYS A 76 -10.25 -2.95 2.53
N TRP A 77 -9.88 -3.85 3.42
CA TRP A 77 -9.85 -5.30 3.17
C TRP A 77 -10.89 -6.02 4.00
N GLY A 78 -11.95 -6.49 3.38
CA GLY A 78 -12.86 -7.39 4.06
C GLY A 78 -12.21 -8.66 4.53
N GLU A 79 -12.90 -9.38 5.39
CA GLU A 79 -12.46 -10.68 5.83
C GLU A 79 -12.16 -11.56 4.62
N GLY A 80 -10.94 -12.09 4.56
CA GLY A 80 -10.55 -12.97 3.49
C GLY A 80 -10.15 -12.28 2.20
N HIS A 81 -10.22 -10.95 2.13
CA HIS A 81 -9.83 -10.26 0.90
C HIS A 81 -8.33 -10.17 0.76
N GLY A 82 -7.84 -10.35 -0.44
CA GLY A 82 -6.43 -10.20 -0.70
C GLY A 82 -6.14 -9.73 -2.12
N SER A 83 -4.88 -9.48 -2.37
CA SER A 83 -4.40 -9.02 -3.66
C SER A 83 -3.88 -10.16 -4.52
N SER A 84 -3.58 -9.83 -5.75
CA SER A 84 -2.76 -10.65 -6.60
C SER A 84 -1.31 -10.59 -6.11
N ILE A 85 -0.45 -11.44 -6.67
CA ILE A 85 0.97 -11.21 -6.60
C ILE A 85 1.26 -10.10 -7.59
N HIS A 86 1.92 -9.03 -7.16
CA HIS A 86 2.09 -7.88 -8.03
C HIS A 86 3.36 -7.10 -7.74
N ASP A 87 3.69 -6.24 -8.71
CA ASP A 87 4.79 -5.29 -8.62
C ASP A 87 4.26 -3.89 -8.31
N HIS A 88 5.16 -2.91 -8.35
CA HIS A 88 4.83 -1.53 -7.97
C HIS A 88 5.43 -0.50 -8.94
N THR A 89 5.65 -0.93 -10.18
CA THR A 89 5.78 -0.01 -11.30
C THR A 89 6.87 1.01 -11.05
N ASP A 90 8.03 0.52 -10.58
CA ASP A 90 9.21 1.35 -10.39
C ASP A 90 9.02 2.49 -9.36
N SER A 91 8.04 2.32 -8.48
CA SER A 91 7.77 3.28 -7.43
C SER A 91 8.09 2.75 -6.05
N HIS A 92 8.32 3.67 -5.13
CA HIS A 92 8.35 3.37 -3.71
C HIS A 92 6.93 3.07 -3.25
N CYS A 93 6.76 2.10 -2.37
CA CYS A 93 5.44 1.77 -1.86
C CYS A 93 5.52 1.45 -0.37
N PHE A 94 4.89 2.30 0.42
CA PHE A 94 4.83 2.16 1.87
C PHE A 94 3.41 1.71 2.24
N LEU A 95 3.32 0.80 3.19
CA LEU A 95 2.05 0.30 3.68
CA LEU A 95 2.06 0.24 3.69
C LEU A 95 2.02 0.35 5.20
N LYS A 96 1.13 1.14 5.76
CA LYS A 96 0.99 1.23 7.20
C LYS A 96 -0.35 0.69 7.63
N LEU A 97 -0.40 -0.24 8.55
CA LEU A 97 -1.69 -0.74 9.03
C LEU A 97 -2.37 0.26 9.93
N LEU A 98 -3.64 0.52 9.63
CA LEU A 98 -4.47 1.39 10.45
C LEU A 98 -5.44 0.61 11.34
N GLN A 99 -5.79 -0.60 10.93
CA GLN A 99 -6.74 -1.43 11.68
C GLN A 99 -6.55 -2.86 11.20
N GLY A 100 -6.50 -3.81 12.14
CA GLY A 100 -6.40 -5.20 11.77
C GLY A 100 -5.01 -5.66 11.49
N ASN A 101 -4.89 -6.74 10.73
CA ASN A 101 -3.62 -7.36 10.40
C ASN A 101 -3.68 -7.77 8.95
N LEU A 102 -2.53 -7.75 8.29
CA LEU A 102 -2.41 -8.25 6.94
C LEU A 102 -1.23 -9.20 6.83
N LYS A 103 -1.38 -10.22 6.01
CA LYS A 103 -0.28 -11.11 5.71
C LYS A 103 0.38 -10.67 4.41
N GLU A 104 1.67 -10.43 4.45
CA GLU A 104 2.44 -10.10 3.25
C GLU A 104 3.32 -11.29 2.92
N THR A 105 3.20 -11.77 1.69
CA THR A 105 4.02 -12.85 1.18
C THR A 105 4.91 -12.29 0.07
N LEU A 106 6.22 -12.52 0.18
CA LEU A 106 7.18 -12.02 -0.80
C LEU A 106 7.52 -13.08 -1.82
N PHE A 107 7.68 -12.67 -3.06
CA PHE A 107 8.08 -13.55 -4.15
C PHE A 107 9.21 -12.88 -4.94
N ASP A 108 10.10 -13.69 -5.49
CA ASP A 108 11.09 -13.17 -6.42
C ASP A 108 10.46 -12.90 -7.78
N TRP A 109 11.10 -12.03 -8.55
CA TRP A 109 10.76 -11.85 -9.94
C TRP A 109 10.96 -13.19 -10.65
N PRO A 110 9.99 -13.58 -11.46
CA PRO A 110 10.14 -14.86 -12.14
C PRO A 110 11.22 -14.81 -13.20
N ASP A 111 11.70 -15.97 -13.58
CA ASP A 111 12.54 -16.10 -14.76
C ASP A 111 11.63 -16.23 -15.98
N LYS A 112 12.20 -16.12 -17.17
CA LYS A 112 11.40 -16.16 -18.39
C LYS A 112 10.73 -17.52 -18.53
N LYS A 113 11.39 -18.55 -18.01
CA LYS A 113 10.86 -19.91 -18.05
C LYS A 113 9.64 -20.02 -17.16
N SER A 114 8.62 -20.74 -17.62
CA SER A 114 7.42 -20.97 -16.83
C SER A 114 7.73 -21.87 -15.64
N ASN A 115 7.36 -21.42 -14.45
CA ASN A 115 7.61 -22.16 -13.22
C ASN A 115 6.69 -21.66 -12.12
N GLU A 116 6.36 -22.53 -11.19
CA GLU A 116 5.65 -22.14 -9.98
C GLU A 116 6.43 -21.02 -9.29
N MET A 117 5.74 -19.98 -8.85
CA MET A 117 6.38 -18.93 -8.07
C MET A 117 6.34 -19.36 -6.61
N ILE A 118 7.49 -19.68 -6.04
CA ILE A 118 7.53 -20.12 -4.66
C ILE A 118 7.79 -18.94 -3.74
N LYS A 119 7.02 -18.85 -2.65
CA LYS A 119 7.19 -17.76 -1.73
CA LYS A 119 7.18 -17.78 -1.69
C LYS A 119 8.60 -17.76 -1.15
N LYS A 120 9.17 -16.58 -0.99
CA LYS A 120 10.48 -16.42 -0.39
CA LYS A 120 10.48 -16.47 -0.39
C LYS A 120 10.35 -16.21 1.12
N SER A 121 9.29 -15.53 1.54
CA SER A 121 9.03 -15.33 2.95
C SER A 121 7.64 -14.77 3.13
N GLU A 122 7.21 -14.73 4.38
CA GLU A 122 5.94 -14.14 4.71
C GLU A 122 6.01 -13.52 6.09
N ARG A 123 5.22 -12.49 6.30
CA ARG A 123 5.12 -11.94 7.63
C ARG A 123 3.76 -11.33 7.85
N THR A 124 3.44 -11.17 9.12
CA THR A 124 2.21 -10.58 9.55
C THR A 124 2.48 -9.12 9.88
N LEU A 125 1.76 -8.23 9.22
CA LEU A 125 1.88 -6.81 9.45
C LEU A 125 0.79 -6.46 10.43
N ARG A 126 1.15 -5.80 11.52
CA ARG A 126 0.21 -5.55 12.60
C ARG A 126 -0.12 -4.08 12.72
N GLU A 127 -1.17 -3.77 13.48
CA GLU A 127 -1.64 -2.41 13.60
CA GLU A 127 -1.65 -2.41 13.59
C GLU A 127 -0.50 -1.45 13.89
N ASN A 128 -0.51 -0.34 13.16
CA ASN A 128 0.42 0.79 13.21
C ASN A 128 1.81 0.54 12.60
N GLN A 129 2.12 -0.70 12.26
CA GLN A 129 3.40 -0.98 11.62
C GLN A 129 3.42 -0.45 10.18
N CYS A 130 4.56 0.03 9.71
CA CYS A 130 4.75 0.45 8.32
C CYS A 130 5.80 -0.40 7.62
N ALA A 131 5.37 -1.13 6.58
CA ALA A 131 6.22 -1.88 5.69
C ALA A 131 6.55 -1.09 4.44
N TYR A 132 7.53 -1.57 3.70
CA TYR A 132 8.00 -0.92 2.50
C TYR A 132 8.32 -1.96 1.46
N ILE A 133 7.97 -1.68 0.22
CA ILE A 133 8.36 -2.54 -0.87
C ILE A 133 8.71 -1.69 -2.08
N ASN A 134 9.58 -2.26 -2.89
CA ASN A 134 9.85 -1.74 -4.21
CA ASN A 134 10.06 -1.71 -4.14
C ASN A 134 10.29 -2.89 -5.09
N ASP A 135 10.29 -2.66 -6.38
CA ASP A 135 10.58 -3.72 -7.33
C ASP A 135 11.96 -4.34 -7.11
N SER A 136 12.90 -3.60 -6.54
CA SER A 136 14.22 -4.15 -6.32
C SER A 136 14.18 -5.21 -5.22
N ILE A 137 13.22 -5.09 -4.31
CA ILE A 137 13.05 -6.02 -3.20
C ILE A 137 12.34 -7.29 -3.68
N GLY A 138 11.35 -7.12 -4.54
CA GLY A 138 10.65 -8.23 -5.12
C GLY A 138 9.21 -7.89 -5.36
N LEU A 139 8.40 -8.93 -5.53
CA LEU A 139 6.96 -8.83 -5.69
C LEU A 139 6.31 -9.23 -4.38
N HIS A 140 5.04 -8.91 -4.21
CA HIS A 140 4.34 -9.40 -3.03
C HIS A 140 2.87 -9.64 -3.26
N ARG A 141 2.29 -10.39 -2.32
CA ARG A 141 0.85 -10.51 -2.19
C ARG A 141 0.51 -10.04 -0.80
N VAL A 142 -0.60 -9.32 -0.66
CA VAL A 142 -1.06 -8.86 0.63
C VAL A 142 -2.48 -9.36 0.84
N GLU A 143 -2.78 -9.90 2.02
CA GLU A 143 -4.06 -10.57 2.26
C GLU A 143 -4.56 -10.34 3.67
N ASN A 144 -5.84 -10.08 3.82
CA ASN A 144 -6.45 -10.14 5.13
C ASN A 144 -6.96 -11.56 5.33
N VAL A 145 -6.22 -12.36 6.08
CA VAL A 145 -6.63 -13.74 6.30
C VAL A 145 -7.61 -13.93 7.45
N SER A 146 -7.97 -12.85 8.12
CA SER A 146 -8.91 -12.94 9.21
C SER A 146 -10.29 -13.36 8.71
N HIS A 147 -10.99 -14.13 9.53
CA HIS A 147 -12.38 -14.49 9.30
C HIS A 147 -13.35 -13.56 10.01
N THR A 148 -12.83 -12.69 10.88
CA THR A 148 -13.68 -11.91 11.76
C THR A 148 -13.37 -10.41 11.79
N GLU A 149 -12.21 -9.99 11.28
CA GLU A 149 -11.79 -8.60 11.42
C GLU A 149 -11.41 -7.99 10.07
N PRO A 150 -12.14 -6.97 9.65
CA PRO A 150 -11.70 -6.22 8.46
C PRO A 150 -10.39 -5.50 8.74
N ALA A 151 -9.60 -5.24 7.71
CA ALA A 151 -8.34 -4.53 7.87
C ALA A 151 -8.37 -3.24 7.07
N VAL A 152 -7.64 -2.24 7.53
CA VAL A 152 -7.52 -0.97 6.84
C VAL A 152 -6.05 -0.60 6.85
N SER A 153 -5.53 -0.21 5.69
CA SER A 153 -4.15 0.18 5.54
C SER A 153 -4.00 1.49 4.79
N LEU A 154 -2.91 2.18 5.06
CA LEU A 154 -2.56 3.48 4.49
C LEU A 154 -1.36 3.24 3.59
N HIS A 155 -1.47 3.57 2.33
CA HIS A 155 -0.44 3.31 1.34
C HIS A 155 0.03 4.60 0.73
N LEU A 156 1.34 4.72 0.53
CA LEU A 156 1.95 5.88 -0.09
C LEU A 156 2.81 5.39 -1.22
N TYR A 157 2.58 5.90 -2.42
CA TYR A 157 3.35 5.53 -3.60
C TYR A 157 4.00 6.75 -4.21
N SER A 158 5.28 6.63 -4.57
CA SER A 158 6.02 7.73 -5.18
C SER A 158 7.01 7.18 -6.19
N PRO A 159 6.92 7.62 -7.45
CA PRO A 159 5.87 8.49 -8.01
C PRO A 159 4.52 7.77 -7.99
N PRO A 160 3.44 8.51 -8.21
CA PRO A 160 2.14 7.82 -8.34
C PRO A 160 2.14 6.91 -9.54
N PHE A 161 1.34 5.85 -9.50
CA PHE A 161 1.20 4.94 -10.63
C PHE A 161 -0.21 4.39 -10.61
N ASP A 162 -0.75 4.08 -11.77
CA ASP A 162 -2.09 3.52 -11.82
C ASP A 162 -2.17 2.27 -12.67
N THR A 163 -1.03 1.71 -13.02
CA THR A 163 -0.98 0.41 -13.65
C THR A 163 0.10 -0.39 -12.97
N CYS A 164 -0.06 -1.71 -12.96
CA CYS A 164 0.93 -2.62 -12.42
C CYS A 164 0.73 -3.96 -13.11
N HIS A 165 1.50 -4.96 -12.71
CA HIS A 165 1.35 -6.31 -13.22
C HIS A 165 0.93 -7.26 -12.14
N ALA A 166 0.03 -8.15 -12.50
CA ALA A 166 -0.34 -9.27 -11.65
C ALA A 166 0.35 -10.49 -12.22
N PHE A 167 0.80 -11.37 -11.34
CA PHE A 167 1.56 -12.55 -11.75
C PHE A 167 0.82 -13.83 -11.40
N ASP A 168 0.83 -14.77 -12.32
CA ASP A 168 0.19 -16.05 -12.13
C ASP A 168 1.11 -16.94 -11.30
N GLN A 169 0.65 -17.32 -10.11
CA GLN A 169 1.52 -18.05 -9.20
C GLN A 169 1.98 -19.40 -9.77
N ARG A 170 1.21 -19.97 -10.69
CA ARG A 170 1.53 -21.27 -11.27
C ARG A 170 2.64 -21.21 -12.33
N THR A 171 2.84 -20.04 -12.93
CA THR A 171 3.73 -19.94 -14.10
C THR A 171 4.70 -18.76 -14.07
N GLY A 172 4.36 -17.71 -13.33
CA GLY A 172 5.16 -16.50 -13.32
C GLY A 172 4.76 -15.55 -14.43
N HIS A 173 3.78 -15.93 -15.25
CA HIS A 173 3.31 -15.08 -16.34
CA HIS A 173 3.37 -15.06 -16.34
C HIS A 173 2.66 -13.83 -15.78
N LYS A 174 2.94 -12.68 -16.39
CA LYS A 174 2.38 -11.44 -15.90
C LYS A 174 1.37 -10.83 -16.87
N ASN A 175 0.42 -10.11 -16.30
CA ASN A 175 -0.56 -9.36 -17.06
CA ASN A 175 -0.54 -9.35 -17.07
C ASN A 175 -0.68 -7.96 -16.49
N LYS A 176 -0.84 -6.98 -17.36
CA LYS A 176 -0.94 -5.60 -16.95
C LYS A 176 -2.36 -5.34 -16.45
N VAL A 177 -2.44 -4.67 -15.32
CA VAL A 177 -3.71 -4.35 -14.70
C VAL A 177 -3.77 -2.85 -14.50
N THR A 178 -4.95 -2.28 -14.74
CA THR A 178 -5.15 -0.86 -14.44
C THR A 178 -5.87 -0.77 -13.13
N MET A 179 -5.31 0.03 -12.24
CA MET A 179 -5.83 0.21 -10.91
CA MET A 179 -5.87 0.18 -10.91
C MET A 179 -6.83 1.34 -10.91
N THR A 180 -7.83 1.22 -10.08
CA THR A 180 -8.87 2.22 -10.04
C THR A 180 -9.04 2.65 -8.61
N PHE A 181 -9.61 3.84 -8.45
CA PHE A 181 -9.99 4.32 -7.13
C PHE A 181 -11.48 4.11 -6.91
N HIS A 182 -11.81 3.48 -5.80
CA HIS A 182 -13.18 3.31 -5.31
C HIS A 182 -13.76 4.65 -4.85
N SER A 183 -12.88 5.51 -4.35
CA SER A 183 -13.29 6.84 -3.92
C SER A 183 -12.08 7.76 -3.98
N LYS A 184 -12.36 9.06 -4.00
CA LYS A 184 -11.34 10.08 -3.98
C LYS A 184 -11.80 11.18 -3.04
N PHE A 185 -10.99 11.48 -2.03
CA PHE A 185 -11.24 12.56 -1.11
C PHE A 185 -12.57 12.36 -0.42
N GLY A 186 -12.92 11.09 -0.16
CA GLY A 186 -14.13 10.74 0.55
C GLY A 186 -15.38 10.56 -0.30
N ILE A 187 -15.23 10.77 -1.61
CA ILE A 187 -16.37 10.75 -2.53
C ILE A 187 -16.25 9.48 -3.36
N ARG A 188 -17.30 8.67 -3.35
CA ARG A 188 -17.33 7.47 -4.15
C ARG A 188 -17.23 7.87 -5.63
N THR A 189 -16.39 7.17 -6.36
CA THR A 189 -16.10 7.49 -7.75
C THR A 189 -16.33 6.22 -8.54
N PRO A 190 -17.61 5.92 -8.83
CA PRO A 190 -18.01 4.70 -9.54
C PRO A 190 -17.41 4.58 -10.94
FE FE2 B . 1.39 -4.01 -3.19
N 2CO C . 0.07 -2.39 -4.06
CA 2CO C . -1.32 -2.73 -3.74
C 2CO C . -2.26 -1.67 -4.20
O 2CO C . -3.43 -1.98 -4.57
CB 2CO C . -1.50 -2.85 -2.26
SG 2CO C . -0.31 -3.94 -1.53
OD 2CO C . 0.69 -2.65 -2.01
OE 2CO C . 1.56 -2.00 -0.49
OXT 2CO C . -1.89 -0.46 -4.15
#